data_9JD9
#
_entry.id   9JD9
#
_cell.length_a   1.00
_cell.length_b   1.00
_cell.length_c   1.00
_cell.angle_alpha   90.00
_cell.angle_beta   90.00
_cell.angle_gamma   90.00
#
_symmetry.space_group_name_H-M   'P 1'
#
loop_
_entity.id
_entity.type
_entity.pdbx_description
1 polymer 'Sodium- and chloride-dependent taurine transporter'
2 non-polymer '2-AMINOETHANESULFONIC ACID'
3 non-polymer DODECANE
4 non-polymer N-OCTANE
5 non-polymer TETRADECANE
6 non-polymer nonane
7 non-polymer HEPTANE
8 non-polymer DECANE
9 non-polymer HEXANE
10 non-polymer 'CHLORIDE ION'
11 non-polymer 'SODIUM ION'
12 non-polymer 2-acetamido-2-deoxy-beta-D-glucopyranose
13 water water
#
_entity_poly.entity_id   1
_entity_poly.type   'polypeptide(L)'
_entity_poly.pdbx_seq_one_letter_code
;MATKEKLQCLKDFHKDILKPSPGKSPGTRPEDEAEGKPPQREKWSSKIDFVLSVAGGFVGLGNVWRFPYLCYKNGGGAFL
IPYFIFLFGSGLPVFFLEIIIGQYTSEGGITCWEKICPLFSGIGYASVVIVSLLNVYYIVILAWATYYLFQSFQKELPWA
HCNHSWNTPHCMEDTMRKNKSVWITISSTNFTSPVIEFWERNVLSLSPGIDHPGSLKWDLALCLLLVWLVCFFCIWKGVR
STGKVVYFTATFPFAMLLVLLVRGLTLPGAGAGIKFYLYPDITRLEDPQVWIDAGTQIFFSYAICLGAMTSLGSYNKYKY
NSYRDCMLLGCLNSGTSFVSGFAIFSILGFMAQEQGVDIADVAESGPGLAFIAYPKAVTMMPLPTFWSILFFIMLLLLGL
DSQFVEVEGQITSLVDLYPSFLRKGYRREIFIAFVCSISYLLGLTMVTEGGMYVFQLFDYYAASGVCLLWVAFFECFVIA
WIYGGDNLYDGIEDMIGYRPGPWMKYSWAVITPVLCVGCFIFSLVKYVPLTYNKTYVYPNWAIGLGWSLALSSMLCVPLV
IVIRLCQTEGPFLVRVKYLLTPREPNRWAVEREGATPYNSRTVMNGALVKPTHIIVETMM
;
_entity_poly.pdbx_strand_id   A
#
# COMPACT_ATOMS: atom_id res chain seq x y z
N PRO A 39 -0.23 26.94 -18.74
CA PRO A 39 1.00 27.14 -17.97
C PRO A 39 1.93 25.94 -18.03
N GLN A 40 2.40 25.49 -16.87
CA GLN A 40 3.29 24.35 -16.78
C GLN A 40 3.16 23.74 -15.39
N ARG A 41 3.68 22.51 -15.26
CA ARG A 41 3.65 21.81 -13.99
C ARG A 41 4.69 22.41 -13.06
N GLU A 42 4.24 22.98 -11.95
CA GLU A 42 5.16 23.65 -11.02
C GLU A 42 6.12 22.65 -10.40
N LYS A 43 7.40 23.01 -10.37
CA LYS A 43 8.42 22.16 -9.78
C LYS A 43 8.40 22.28 -8.26
N TRP A 44 9.15 21.40 -7.61
CA TRP A 44 9.29 21.46 -6.16
C TRP A 44 10.05 22.72 -5.76
N SER A 45 9.73 23.23 -4.57
CA SER A 45 10.47 24.37 -4.05
C SER A 45 11.94 24.02 -3.83
N SER A 46 12.19 22.84 -3.27
CA SER A 46 13.56 22.37 -3.05
C SER A 46 13.53 20.85 -3.03
N LYS A 47 14.71 20.25 -3.14
CA LYS A 47 14.81 18.80 -3.12
C LYS A 47 14.35 18.20 -1.80
N ILE A 48 14.40 18.98 -0.72
CA ILE A 48 13.96 18.47 0.58
C ILE A 48 12.46 18.21 0.58
N ASP A 49 11.70 19.00 -0.18
CA ASP A 49 10.27 18.77 -0.27
C ASP A 49 9.96 17.50 -1.06
N PHE A 50 10.76 17.20 -2.09
CA PHE A 50 10.56 15.97 -2.85
C PHE A 50 10.78 14.75 -1.97
N VAL A 51 11.83 14.77 -1.15
CA VAL A 51 12.13 13.61 -0.31
C VAL A 51 11.03 13.38 0.71
N LEU A 52 10.60 14.44 1.39
CA LEU A 52 9.57 14.29 2.43
C LEU A 52 8.22 13.93 1.83
N SER A 53 7.87 14.51 0.68
CA SER A 53 6.61 14.15 0.04
C SER A 53 6.63 12.69 -0.39
N VAL A 54 7.76 12.22 -0.93
CA VAL A 54 7.88 10.82 -1.31
C VAL A 54 7.94 9.94 -0.08
N ALA A 55 8.74 10.32 0.92
CA ALA A 55 8.89 9.50 2.12
C ALA A 55 7.56 9.34 2.85
N GLY A 56 6.80 10.42 2.97
CA GLY A 56 5.47 10.32 3.54
C GLY A 56 4.43 9.71 2.64
N GLY A 57 4.78 9.45 1.38
CA GLY A 57 3.82 8.92 0.43
C GLY A 57 3.78 7.40 0.38
N PHE A 58 4.87 6.73 0.74
CA PHE A 58 4.90 5.27 0.68
C PHE A 58 5.57 4.66 1.90
N VAL A 59 5.73 5.42 2.98
CA VAL A 59 6.12 4.87 4.27
C VAL A 59 4.96 5.09 5.23
N GLY A 60 4.26 4.03 5.58
CA GLY A 60 3.07 4.14 6.40
C GLY A 60 2.43 2.82 6.74
N LEU A 61 1.11 2.73 6.57
CA LEU A 61 0.39 1.52 6.91
C LEU A 61 0.86 0.31 6.12
N GLY A 62 1.35 0.52 4.89
CA GLY A 62 1.91 -0.58 4.14
C GLY A 62 3.15 -1.18 4.76
N ASN A 63 3.82 -0.44 5.65
CA ASN A 63 5.00 -0.92 6.34
C ASN A 63 4.68 -1.47 7.73
N VAL A 64 3.88 -0.75 8.51
CA VAL A 64 3.62 -1.14 9.89
C VAL A 64 2.36 -1.96 10.07
N TRP A 65 1.50 -2.03 9.05
CA TRP A 65 0.27 -2.80 9.16
C TRP A 65 0.21 -3.97 8.20
N ARG A 66 0.44 -3.73 6.90
CA ARG A 66 0.28 -4.79 5.92
C ARG A 66 1.43 -5.79 5.95
N PHE A 67 2.65 -5.31 6.07
CA PHE A 67 3.80 -6.22 6.10
C PHE A 67 3.76 -7.19 7.28
N PRO A 68 3.48 -6.76 8.53
CA PRO A 68 3.48 -7.73 9.63
C PRO A 68 2.50 -8.87 9.47
N TYR A 69 1.31 -8.64 8.91
CA TYR A 69 0.35 -9.73 8.85
C TYR A 69 0.51 -10.57 7.60
N LEU A 70 1.01 -9.99 6.51
CA LEU A 70 1.37 -10.82 5.36
C LEU A 70 2.54 -11.74 5.70
N CYS A 71 3.51 -11.23 6.46
CA CYS A 71 4.57 -12.09 6.97
C CYS A 71 4.01 -13.12 7.94
N TYR A 72 3.06 -12.70 8.78
CA TYR A 72 2.44 -13.63 9.73
C TYR A 72 1.58 -14.67 9.02
N LYS A 73 0.78 -14.23 8.05
CA LYS A 73 -0.11 -15.16 7.35
C LYS A 73 0.68 -16.22 6.58
N ASN A 74 1.75 -15.80 5.91
CA ASN A 74 2.56 -16.73 5.10
C ASN A 74 3.70 -17.28 5.95
N GLY A 75 3.34 -18.17 6.87
CA GLY A 75 4.32 -18.77 7.73
C GLY A 75 5.04 -17.74 8.58
N GLY A 76 6.34 -17.92 8.72
CA GLY A 76 7.15 -16.97 9.47
C GLY A 76 8.15 -16.23 8.60
N GLY A 77 9.40 -16.68 8.64
CA GLY A 77 10.48 -16.10 7.85
C GLY A 77 10.57 -16.59 6.43
N ALA A 78 9.74 -17.55 6.03
CA ALA A 78 9.67 -17.93 4.63
C ALA A 78 9.13 -16.81 3.76
N PHE A 79 8.48 -15.82 4.37
CA PHE A 79 8.02 -14.65 3.64
C PHE A 79 9.17 -13.73 3.22
N LEU A 80 10.30 -13.78 3.94
CA LEU A 80 11.37 -12.82 3.71
C LEU A 80 12.18 -13.14 2.46
N ILE A 81 12.35 -14.41 2.10
CA ILE A 81 13.12 -14.75 0.91
C ILE A 81 12.48 -14.19 -0.36
N PRO A 82 11.21 -14.46 -0.68
CA PRO A 82 10.58 -13.76 -1.80
C PRO A 82 10.52 -12.26 -1.58
N TYR A 83 10.40 -11.81 -0.33
CA TYR A 83 10.35 -10.37 -0.07
C TYR A 83 11.62 -9.69 -0.55
N PHE A 84 12.79 -10.18 -0.13
CA PHE A 84 14.04 -9.55 -0.53
C PHE A 84 14.38 -9.82 -1.98
N ILE A 85 14.03 -11.00 -2.50
CA ILE A 85 14.24 -11.26 -3.92
C ILE A 85 13.45 -10.26 -4.77
N PHE A 86 12.16 -10.09 -4.47
CA PHE A 86 11.35 -9.13 -5.20
C PHE A 86 11.83 -7.71 -4.97
N LEU A 87 12.26 -7.40 -3.75
CA LEU A 87 12.77 -6.06 -3.46
C LEU A 87 13.92 -5.76 -4.41
N PHE A 88 15.04 -6.47 -4.26
CA PHE A 88 16.23 -6.14 -5.03
C PHE A 88 16.10 -6.49 -6.51
N GLY A 89 15.05 -7.19 -6.92
CA GLY A 89 14.87 -7.46 -8.34
C GLY A 89 13.93 -6.49 -9.05
N SER A 90 12.81 -6.15 -8.42
CA SER A 90 11.79 -5.36 -9.09
C SER A 90 11.16 -4.28 -8.24
N GLY A 91 11.50 -4.13 -6.96
CA GLY A 91 10.86 -3.10 -6.17
C GLY A 91 11.56 -1.77 -6.31
N LEU A 92 12.85 -1.75 -5.97
CA LEU A 92 13.65 -0.57 -6.25
C LEU A 92 13.75 -0.26 -7.74
N PRO A 93 13.98 -1.22 -8.64
CA PRO A 93 14.04 -0.86 -10.07
C PRO A 93 12.75 -0.25 -10.60
N VAL A 94 11.59 -0.81 -10.29
CA VAL A 94 10.34 -0.26 -10.81
C VAL A 94 10.03 1.09 -10.16
N PHE A 95 10.35 1.23 -8.87
CA PHE A 95 10.15 2.50 -8.19
C PHE A 95 10.99 3.60 -8.83
N PHE A 96 12.28 3.31 -9.06
CA PHE A 96 13.14 4.28 -9.73
C PHE A 96 12.69 4.52 -11.16
N LEU A 97 12.18 3.49 -11.84
CA LEU A 97 11.67 3.67 -13.20
C LEU A 97 10.50 4.63 -13.22
N GLU A 98 9.57 4.48 -12.27
CA GLU A 98 8.44 5.38 -12.19
C GLU A 98 8.89 6.81 -11.92
N ILE A 99 9.78 6.98 -10.95
CA ILE A 99 10.27 8.32 -10.61
C ILE A 99 10.95 8.95 -11.81
N ILE A 100 11.78 8.17 -12.51
CA ILE A 100 12.56 8.71 -13.62
C ILE A 100 11.67 8.97 -14.83
N ILE A 101 10.61 8.18 -15.02
CA ILE A 101 9.66 8.47 -16.09
C ILE A 101 8.94 9.76 -15.82
N GLY A 102 8.49 9.96 -14.57
CA GLY A 102 7.85 11.21 -14.22
C GLY A 102 8.77 12.41 -14.40
N GLN A 103 10.04 12.24 -14.02
CA GLN A 103 11.00 13.35 -14.16
C GLN A 103 11.33 13.62 -15.62
N TYR A 104 11.40 12.57 -16.45
CA TYR A 104 11.73 12.74 -17.86
C TYR A 104 10.59 13.41 -18.61
N THR A 105 9.36 12.93 -18.41
CA THR A 105 8.22 13.46 -19.15
C THR A 105 7.60 14.70 -18.49
N SER A 106 7.85 14.91 -17.20
CA SER A 106 7.22 15.99 -16.45
C SER A 106 5.70 15.93 -16.58
N GLU A 107 5.16 14.71 -16.51
CA GLU A 107 3.74 14.48 -16.68
C GLU A 107 3.24 13.55 -15.59
N GLY A 108 1.92 13.54 -15.41
CA GLY A 108 1.30 12.75 -14.37
C GLY A 108 1.31 11.26 -14.63
N GLY A 109 0.35 10.55 -14.02
CA GLY A 109 0.32 9.11 -14.17
C GLY A 109 -0.04 8.66 -15.57
N ILE A 110 -0.97 9.35 -16.22
CA ILE A 110 -1.53 8.89 -17.49
C ILE A 110 -0.77 9.47 -18.69
N THR A 111 -0.59 10.79 -18.72
CA THR A 111 0.00 11.41 -19.90
C THR A 111 1.47 11.06 -20.08
N CYS A 112 2.16 10.67 -19.00
CA CYS A 112 3.54 10.22 -19.14
C CYS A 112 3.62 9.00 -20.05
N TRP A 113 2.67 8.07 -19.90
CA TRP A 113 2.65 6.90 -20.77
C TRP A 113 2.24 7.26 -22.18
N GLU A 114 1.39 8.28 -22.34
CA GLU A 114 1.07 8.76 -23.67
C GLU A 114 2.31 9.29 -24.38
N LYS A 115 3.18 9.96 -23.63
CA LYS A 115 4.44 10.44 -24.23
C LYS A 115 5.40 9.29 -24.49
N ILE A 116 5.53 8.36 -23.54
CA ILE A 116 6.52 7.28 -23.66
C ILE A 116 6.11 6.33 -24.78
N CYS A 117 4.86 5.89 -24.80
CA CYS A 117 4.36 4.97 -25.80
C CYS A 117 2.85 5.16 -25.96
N PRO A 118 2.39 5.76 -27.06
CA PRO A 118 0.95 5.96 -27.22
C PRO A 118 0.14 4.68 -27.13
N LEU A 119 0.62 3.60 -27.73
CA LEU A 119 0.05 2.28 -27.47
C LEU A 119 0.54 1.80 -26.11
N PHE A 120 -0.22 0.92 -25.48
CA PHE A 120 -0.01 0.55 -24.08
C PHE A 120 -0.19 1.73 -23.15
N SER A 121 -0.91 2.76 -23.59
CA SER A 121 -1.25 3.87 -22.71
C SER A 121 -2.26 3.48 -21.64
N GLY A 122 -2.84 2.28 -21.74
CA GLY A 122 -3.76 1.80 -20.74
C GLY A 122 -3.13 1.53 -19.39
N ILE A 123 -1.80 1.57 -19.30
CA ILE A 123 -1.13 1.41 -18.01
C ILE A 123 -1.51 2.55 -17.07
N GLY A 124 -1.61 3.77 -17.60
CA GLY A 124 -2.04 4.89 -16.78
C GLY A 124 -3.45 4.73 -16.25
N TYR A 125 -4.38 4.33 -17.11
CA TYR A 125 -5.76 4.13 -16.68
C TYR A 125 -5.86 2.97 -15.69
N ALA A 126 -5.08 1.92 -15.91
CA ALA A 126 -5.05 0.82 -14.95
C ALA A 126 -4.56 1.28 -13.59
N SER A 127 -3.50 2.09 -13.57
CA SER A 127 -2.98 2.61 -12.31
C SER A 127 -3.99 3.53 -11.64
N VAL A 128 -4.71 4.33 -12.41
CA VAL A 128 -5.73 5.20 -11.82
C VAL A 128 -6.86 4.38 -11.20
N VAL A 129 -7.30 3.31 -11.88
CA VAL A 129 -8.33 2.45 -11.29
C VAL A 129 -7.81 1.79 -10.02
N ILE A 130 -6.56 1.32 -10.05
CA ILE A 130 -5.97 0.67 -8.89
C ILE A 130 -5.90 1.64 -7.71
N VAL A 131 -5.47 2.88 -7.97
CA VAL A 131 -5.35 3.84 -6.88
C VAL A 131 -6.73 4.28 -6.39
N SER A 132 -7.74 4.29 -7.26
CA SER A 132 -9.09 4.60 -6.81
C SER A 132 -9.59 3.54 -5.84
N LEU A 133 -9.44 2.27 -6.20
CA LEU A 133 -9.84 1.19 -5.30
C LEU A 133 -9.02 1.22 -4.02
N LEU A 134 -7.72 1.53 -4.14
CA LEU A 134 -6.85 1.61 -2.98
C LEU A 134 -7.29 2.70 -2.02
N ASN A 135 -7.61 3.88 -2.55
CA ASN A 135 -8.10 4.95 -1.70
C ASN A 135 -9.45 4.60 -1.10
N VAL A 136 -10.23 3.77 -1.80
CA VAL A 136 -11.50 3.32 -1.25
C VAL A 136 -11.29 2.47 0.00
N TYR A 137 -10.41 1.47 -0.06
CA TYR A 137 -10.34 0.58 1.09
C TYR A 137 -9.28 0.98 2.10
N TYR A 138 -8.38 1.90 1.76
CA TYR A 138 -7.24 2.23 2.61
C TYR A 138 -7.60 3.21 3.70
N ILE A 139 -8.75 3.87 3.58
CA ILE A 139 -9.22 4.79 4.61
C ILE A 139 -10.02 4.08 5.69
N VAL A 140 -10.44 2.84 5.45
CA VAL A 140 -11.08 2.06 6.50
C VAL A 140 -10.08 1.74 7.62
N ILE A 141 -8.81 1.56 7.26
CA ILE A 141 -7.79 1.34 8.29
C ILE A 141 -7.68 2.56 9.18
N LEU A 142 -7.70 3.75 8.60
CA LEU A 142 -7.68 4.97 9.38
C LEU A 142 -8.97 5.14 10.18
N ALA A 143 -10.09 4.65 9.66
CA ALA A 143 -11.32 4.66 10.45
C ALA A 143 -11.18 3.79 11.70
N TRP A 144 -10.61 2.60 11.56
CA TRP A 144 -10.38 1.74 12.71
C TRP A 144 -9.39 2.37 13.68
N ALA A 145 -8.33 2.99 13.16
CA ALA A 145 -7.36 3.66 14.02
C ALA A 145 -7.99 4.82 14.77
N THR A 146 -8.86 5.58 14.11
CA THR A 146 -9.57 6.67 14.78
C THR A 146 -10.49 6.14 15.86
N TYR A 147 -11.18 5.03 15.59
CA TYR A 147 -12.04 4.43 16.60
C TYR A 147 -11.22 3.99 17.82
N TYR A 148 -10.08 3.35 17.59
CA TYR A 148 -9.23 2.94 18.69
C TYR A 148 -8.71 4.14 19.47
N LEU A 149 -8.32 5.21 18.76
CA LEU A 149 -7.82 6.41 19.42
C LEU A 149 -8.91 7.05 20.28
N PHE A 150 -10.13 7.11 19.77
CA PHE A 150 -11.24 7.64 20.57
C PHE A 150 -11.52 6.77 21.79
N GLN A 151 -11.43 5.45 21.62
CA GLN A 151 -11.60 4.55 22.75
C GLN A 151 -10.45 4.64 23.75
N SER A 152 -9.30 5.18 23.33
CA SER A 152 -8.14 5.28 24.22
C SER A 152 -8.30 6.35 25.29
N PHE A 153 -9.30 7.23 25.16
CA PHE A 153 -9.45 8.34 26.10
C PHE A 153 -10.37 7.94 27.25
N GLN A 154 -9.83 7.11 28.14
CA GLN A 154 -10.53 6.73 29.35
C GLN A 154 -9.51 6.23 30.37
N LYS A 155 -10.00 6.00 31.59
CA LYS A 155 -9.10 5.62 32.68
C LYS A 155 -8.41 4.29 32.41
N GLU A 156 -9.15 3.31 31.90
CA GLU A 156 -8.61 2.01 31.58
C GLU A 156 -8.86 1.69 30.11
N LEU A 157 -7.87 1.11 29.45
CA LEU A 157 -8.01 0.73 28.06
C LEU A 157 -9.08 -0.36 27.93
N PRO A 158 -10.01 -0.23 26.98
CA PRO A 158 -11.09 -1.23 26.88
C PRO A 158 -10.61 -2.62 26.50
N TRP A 159 -9.40 -2.76 25.95
CA TRP A 159 -8.87 -4.04 25.54
C TRP A 159 -7.87 -4.60 26.53
N ALA A 160 -7.84 -4.08 27.76
CA ALA A 160 -6.96 -4.61 28.79
C ALA A 160 -7.57 -5.84 29.45
N HIS A 161 -8.73 -5.66 30.08
CA HIS A 161 -9.47 -6.73 30.72
C HIS A 161 -10.78 -6.97 29.98
N CYS A 162 -11.32 -8.18 30.11
CA CYS A 162 -12.57 -8.53 29.44
C CYS A 162 -13.63 -8.84 30.50
N ASN A 163 -14.33 -7.78 30.91
CA ASN A 163 -15.55 -7.90 31.71
C ASN A 163 -16.63 -6.96 31.18
N HIS A 164 -16.50 -6.54 29.93
CA HIS A 164 -17.43 -5.59 29.32
C HIS A 164 -18.59 -6.34 28.67
N SER A 165 -19.51 -5.57 28.09
CA SER A 165 -20.71 -6.17 27.49
C SER A 165 -20.36 -7.03 26.30
N TRP A 166 -19.41 -6.60 25.47
CA TRP A 166 -19.08 -7.31 24.25
C TRP A 166 -18.27 -8.57 24.48
N ASN A 167 -17.78 -8.82 25.68
CA ASN A 167 -16.89 -9.94 25.93
C ASN A 167 -17.70 -11.23 26.07
N THR A 168 -17.38 -12.21 25.22
CA THR A 168 -17.99 -13.52 25.31
C THR A 168 -17.52 -14.23 26.58
N PRO A 169 -18.38 -15.02 27.22
CA PRO A 169 -17.94 -15.77 28.41
C PRO A 169 -16.74 -16.69 28.15
N HIS A 170 -16.40 -16.96 26.89
CA HIS A 170 -15.20 -17.72 26.58
C HIS A 170 -13.92 -16.96 26.88
N CYS A 171 -13.99 -15.65 27.10
CA CYS A 171 -12.78 -14.87 27.28
C CYS A 171 -12.08 -15.20 28.60
N MET A 172 -10.78 -14.97 28.61
CA MET A 172 -9.96 -15.18 29.79
C MET A 172 -8.76 -14.24 29.72
N GLU A 173 -8.34 -13.75 30.89
CA GLU A 173 -7.18 -12.87 30.94
C GLU A 173 -5.93 -13.61 30.48
N ASP A 174 -5.06 -12.90 29.77
CA ASP A 174 -3.84 -13.51 29.27
C ASP A 174 -2.95 -13.99 30.41
N THR A 175 -2.83 -13.19 31.47
CA THR A 175 -2.03 -13.60 32.62
C THR A 175 -2.62 -14.83 33.30
N MET A 176 -3.94 -15.02 33.18
CA MET A 176 -4.62 -16.17 33.77
C MET A 176 -4.77 -17.33 32.80
N ARG A 177 -4.28 -17.21 31.57
CA ARG A 177 -4.45 -18.28 30.59
C ARG A 177 -3.70 -19.53 31.01
N LYS A 178 -2.45 -19.37 31.46
CA LYS A 178 -1.66 -20.53 31.88
C LYS A 178 -2.10 -21.04 33.25
N ASN A 179 -2.47 -20.12 34.15
CA ASN A 179 -2.96 -20.54 35.47
C ASN A 179 -4.25 -21.34 35.33
N LYS A 180 -5.15 -20.90 34.45
CA LYS A 180 -6.40 -21.62 34.26
C LYS A 180 -6.17 -22.95 33.54
N SER A 188 -11.10 -26.87 25.62
CA SER A 188 -9.75 -26.56 25.19
C SER A 188 -9.77 -25.81 23.87
N THR A 189 -8.75 -24.97 23.67
CA THR A 189 -8.60 -24.16 22.45
C THR A 189 -9.83 -23.30 22.19
N ASN A 190 -10.48 -22.82 23.26
CA ASN A 190 -11.66 -21.98 23.11
C ASN A 190 -11.66 -20.83 24.11
N PHE A 191 -10.50 -20.39 24.59
CA PHE A 191 -10.39 -19.25 25.49
C PHE A 191 -9.79 -18.09 24.72
N THR A 192 -10.65 -17.19 24.26
CA THR A 192 -10.20 -16.02 23.51
C THR A 192 -9.61 -14.97 24.43
N SER A 193 -8.64 -14.23 23.91
CA SER A 193 -8.02 -13.16 24.68
C SER A 193 -8.87 -11.90 24.62
N PRO A 194 -8.79 -11.03 25.63
CA PRO A 194 -9.57 -9.79 25.61
C PRO A 194 -9.26 -8.88 24.43
N VAL A 195 -8.00 -8.87 23.97
CA VAL A 195 -7.62 -7.99 22.86
C VAL A 195 -8.34 -8.41 21.59
N ILE A 196 -8.40 -9.72 21.33
CA ILE A 196 -9.01 -10.20 20.06
C ILE A 196 -10.52 -9.96 20.10
N GLU A 197 -11.14 -10.13 21.26
CA GLU A 197 -12.60 -9.86 21.39
C GLU A 197 -12.87 -8.40 21.03
N PHE A 198 -12.11 -7.46 21.56
CA PHE A 198 -12.38 -6.02 21.29
C PHE A 198 -12.38 -5.79 19.78
N TRP A 199 -11.44 -6.38 19.06
CA TRP A 199 -11.35 -6.22 17.60
C TRP A 199 -12.54 -6.86 16.89
N GLU A 200 -12.89 -8.09 17.25
CA GLU A 200 -13.94 -8.82 16.50
C GLU A 200 -15.34 -8.56 17.09
N ARG A 201 -15.45 -8.08 18.32
CA ARG A 201 -16.78 -7.92 18.95
C ARG A 201 -17.17 -6.44 19.00
N ASN A 202 -16.24 -5.55 19.37
CA ASN A 202 -16.60 -4.12 19.53
C ASN A 202 -16.21 -3.34 18.27
N VAL A 203 -14.93 -3.40 17.85
CA VAL A 203 -14.49 -2.56 16.71
C VAL A 203 -15.11 -3.05 15.40
N LEU A 204 -15.17 -4.37 15.17
CA LEU A 204 -15.63 -4.87 13.85
C LEU A 204 -17.04 -5.47 13.95
N SER A 205 -17.44 -5.98 15.11
CA SER A 205 -18.75 -6.68 15.21
C SER A 205 -18.79 -7.71 14.08
N LEU A 206 -17.73 -8.50 13.93
CA LEU A 206 -17.63 -9.45 12.79
C LEU A 206 -18.93 -10.24 12.62
N SER A 207 -19.43 -10.31 11.38
CA SER A 207 -20.67 -11.08 11.09
C SER A 207 -20.29 -12.51 10.72
N PRO A 208 -21.26 -13.44 10.52
CA PRO A 208 -20.93 -14.80 10.08
C PRO A 208 -20.12 -14.85 8.78
N GLY A 209 -20.43 -13.98 7.82
CA GLY A 209 -19.73 -14.01 6.51
C GLY A 209 -20.04 -12.78 5.66
N ILE A 210 -19.42 -12.68 4.48
CA ILE A 210 -19.68 -11.54 3.55
C ILE A 210 -21.13 -11.62 3.09
N ASP A 211 -21.69 -12.82 3.03
CA ASP A 211 -23.11 -13.02 2.61
C ASP A 211 -24.04 -12.50 3.70
N HIS A 212 -23.49 -12.15 4.88
CA HIS A 212 -24.30 -11.57 5.97
C HIS A 212 -23.78 -10.16 6.27
N PRO A 213 -24.18 -9.13 5.50
CA PRO A 213 -23.64 -7.78 5.67
C PRO A 213 -23.90 -7.21 7.08
N GLY A 214 -25.09 -7.46 7.63
CA GLY A 214 -25.43 -6.92 8.95
C GLY A 214 -25.81 -5.45 8.88
N SER A 215 -25.66 -4.72 9.99
CA SER A 215 -26.05 -3.29 10.02
C SER A 215 -24.81 -2.40 9.99
N LEU A 216 -24.92 -1.21 9.40
CA LEU A 216 -23.76 -0.30 9.28
C LEU A 216 -23.36 0.20 10.68
N LYS A 217 -22.18 -0.18 11.16
CA LYS A 217 -21.70 0.30 12.47
C LYS A 217 -21.65 1.83 12.41
N TRP A 218 -22.64 2.50 13.02
CA TRP A 218 -22.70 3.96 12.96
C TRP A 218 -21.50 4.61 13.63
N ASP A 219 -20.95 3.99 14.69
CA ASP A 219 -19.79 4.54 15.34
C ASP A 219 -18.57 4.54 14.42
N LEU A 220 -18.40 3.47 13.64
CA LEU A 220 -17.33 3.43 12.66
C LEU A 220 -17.64 4.27 11.42
N ALA A 221 -18.92 4.45 11.11
CA ALA A 221 -19.28 5.26 9.95
C ALA A 221 -18.93 6.72 10.17
N LEU A 222 -19.09 7.23 11.39
CA LEU A 222 -18.68 8.59 11.69
C LEU A 222 -17.16 8.73 11.65
N CYS A 223 -16.44 7.73 12.15
CA CYS A 223 -14.98 7.75 12.08
C CYS A 223 -14.50 7.73 10.65
N LEU A 224 -15.14 6.93 9.79
CA LEU A 224 -14.79 6.91 8.38
C LEU A 224 -15.10 8.26 7.72
N LEU A 225 -16.21 8.88 8.11
CA LEU A 225 -16.53 10.22 7.60
C LEU A 225 -15.53 11.25 8.10
N LEU A 226 -15.10 11.12 9.35
CA LEU A 226 -14.21 12.12 9.95
C LEU A 226 -12.87 12.17 9.24
N VAL A 227 -12.29 11.00 8.94
CA VAL A 227 -10.99 10.99 8.27
C VAL A 227 -11.11 11.45 6.83
N TRP A 228 -12.25 11.17 6.18
CA TRP A 228 -12.45 11.67 4.82
C TRP A 228 -12.57 13.18 4.81
N LEU A 229 -13.25 13.76 5.81
CA LEU A 229 -13.32 15.21 5.91
C LEU A 229 -11.94 15.80 6.14
N VAL A 230 -11.10 15.13 6.94
CA VAL A 230 -9.73 15.58 7.11
C VAL A 230 -8.98 15.49 5.79
N CYS A 231 -9.17 14.39 5.05
CA CYS A 231 -8.56 14.28 3.73
C CYS A 231 -9.12 15.32 2.77
N PHE A 232 -10.42 15.54 2.80
CA PHE A 232 -11.02 16.52 1.90
C PHE A 232 -10.53 17.92 2.21
N PHE A 233 -10.42 18.27 3.50
CA PHE A 233 -9.95 19.59 3.86
C PHE A 233 -8.46 19.77 3.65
N CYS A 234 -7.68 18.70 3.62
CA CYS A 234 -6.25 18.79 3.36
C CYS A 234 -5.91 18.61 1.89
N ILE A 235 -6.88 18.33 1.03
CA ILE A 235 -6.65 18.18 -0.39
C ILE A 235 -7.07 19.42 -1.16
N TRP A 236 -8.26 19.95 -0.87
CA TRP A 236 -8.68 21.20 -1.49
C TRP A 236 -7.77 22.35 -1.09
N LYS A 237 -7.77 22.72 0.18
CA LYS A 237 -6.98 23.83 0.68
C LYS A 237 -5.71 23.31 1.34
N GLY A 238 -4.58 23.82 0.91
CA GLY A 238 -3.31 23.35 1.42
C GLY A 238 -2.96 21.95 0.97
N VAL A 239 -2.68 21.80 -0.32
CA VAL A 239 -2.33 20.48 -0.86
C VAL A 239 -1.12 19.91 -0.14
N ARG A 240 -0.09 20.73 0.04
CA ARG A 240 1.09 20.39 0.84
C ARG A 240 1.28 21.54 1.83
N SER A 241 0.59 21.48 2.96
CA SER A 241 0.60 22.55 3.95
C SER A 241 1.26 22.14 5.26
N THR A 242 1.84 20.95 5.32
CA THR A 242 2.51 20.47 6.52
C THR A 242 3.93 21.01 6.68
N GLY A 243 4.28 22.08 5.95
CA GLY A 243 5.62 22.62 5.99
C GLY A 243 6.05 23.15 7.35
N LYS A 244 5.09 23.57 8.18
CA LYS A 244 5.43 24.12 9.48
C LYS A 244 5.92 23.04 10.44
N VAL A 245 5.40 21.82 10.30
CA VAL A 245 5.67 20.75 11.25
C VAL A 245 6.33 19.56 10.56
N VAL A 246 7.14 19.83 9.53
CA VAL A 246 7.82 18.76 8.81
C VAL A 246 8.69 17.95 9.75
N TYR A 247 9.37 18.61 10.68
CA TYR A 247 10.24 17.90 11.61
C TYR A 247 9.44 16.98 12.53
N PHE A 248 8.32 17.47 13.07
CA PHE A 248 7.55 16.66 14.00
C PHE A 248 6.81 15.54 13.28
N THR A 249 6.14 15.87 12.17
CA THR A 249 5.29 14.89 11.52
C THR A 249 6.08 13.76 10.85
N ALA A 250 7.39 13.92 10.70
CA ALA A 250 8.23 12.90 10.08
C ALA A 250 9.04 12.10 11.09
N THR A 251 9.67 12.77 12.05
CA THR A 251 10.51 12.07 13.02
C THR A 251 9.69 11.34 14.08
N PHE A 252 8.53 11.87 14.44
CA PHE A 252 7.73 11.24 15.49
C PHE A 252 7.28 9.83 15.14
N PRO A 253 6.74 9.54 13.93
CA PRO A 253 6.36 8.16 13.66
C PRO A 253 7.50 7.17 13.80
N PHE A 254 8.72 7.58 13.43
CA PHE A 254 9.88 6.72 13.66
C PHE A 254 10.32 6.74 15.12
N ALA A 255 10.11 7.86 15.81
CA ALA A 255 10.39 7.90 17.25
C ALA A 255 9.44 6.98 18.01
N MET A 256 8.16 6.97 17.62
CA MET A 256 7.21 6.09 18.29
C MET A 256 7.48 4.62 17.96
N LEU A 257 7.88 4.34 16.72
CA LEU A 257 8.21 2.98 16.36
C LEU A 257 9.44 2.48 17.13
N LEU A 258 10.34 3.39 17.49
CA LEU A 258 11.50 3.00 18.27
C LEU A 258 11.09 2.51 19.66
N VAL A 259 10.16 3.21 20.31
CA VAL A 259 9.72 2.82 21.64
C VAL A 259 9.04 1.46 21.60
N LEU A 260 8.20 1.23 20.59
CA LEU A 260 7.56 -0.07 20.44
C LEU A 260 8.59 -1.17 20.25
N LEU A 261 9.67 -0.86 19.53
CA LEU A 261 10.74 -1.86 19.34
C LEU A 261 11.45 -2.16 20.64
N VAL A 262 11.75 -1.13 21.44
CA VAL A 262 12.42 -1.35 22.71
C VAL A 262 11.52 -2.10 23.68
N ARG A 263 10.24 -1.73 23.72
CA ARG A 263 9.30 -2.44 24.59
C ARG A 263 9.12 -3.89 24.15
N GLY A 264 8.99 -4.12 22.85
CA GLY A 264 8.80 -5.48 22.37
C GLY A 264 10.00 -6.37 22.59
N LEU A 265 11.21 -5.84 22.33
CA LEU A 265 12.41 -6.65 22.43
C LEU A 265 12.70 -7.08 23.86
N THR A 266 12.33 -6.27 24.84
CA THR A 266 12.59 -6.60 26.24
C THR A 266 11.53 -7.51 26.85
N LEU A 267 10.50 -7.88 26.08
CA LEU A 267 9.49 -8.78 26.60
C LEU A 267 10.07 -10.18 26.78
N PRO A 268 9.56 -10.96 27.73
CA PRO A 268 10.14 -12.29 27.98
C PRO A 268 10.06 -13.23 26.80
N GLY A 269 9.03 -13.14 25.97
CA GLY A 269 8.84 -14.03 24.86
C GLY A 269 9.39 -13.57 23.54
N ALA A 270 10.23 -12.53 23.52
CA ALA A 270 10.72 -11.99 22.26
C ALA A 270 11.62 -12.97 21.52
N GLY A 271 12.25 -13.89 22.25
CA GLY A 271 13.18 -14.81 21.60
C GLY A 271 12.48 -15.76 20.64
N ALA A 272 11.36 -16.33 21.04
CA ALA A 272 10.63 -17.24 20.16
C ALA A 272 9.98 -16.50 19.01
N GLY A 273 9.52 -15.27 19.24
CA GLY A 273 8.90 -14.52 18.17
C GLY A 273 9.89 -14.13 17.09
N ILE A 274 11.12 -13.79 17.49
CA ILE A 274 12.13 -13.39 16.51
C ILE A 274 12.56 -14.58 15.65
N LYS A 275 12.73 -15.75 16.28
CA LYS A 275 13.09 -16.94 15.52
C LYS A 275 12.02 -17.30 14.52
N PHE A 276 10.75 -17.12 14.89
CA PHE A 276 9.65 -17.32 13.95
C PHE A 276 9.73 -16.31 12.80
N TYR A 277 10.08 -15.06 13.12
CA TYR A 277 10.11 -14.01 12.10
C TYR A 277 11.30 -14.18 11.17
N LEU A 278 12.44 -14.63 11.68
CA LEU A 278 13.67 -14.66 10.90
C LEU A 278 13.90 -16.01 10.22
N TYR A 279 13.96 -17.09 11.00
CA TYR A 279 14.31 -18.39 10.45
C TYR A 279 13.25 -18.86 9.46
N PRO A 280 13.60 -19.16 8.22
CA PRO A 280 12.60 -19.49 7.21
C PRO A 280 12.20 -20.96 7.26
N ASP A 281 11.10 -21.25 6.58
CA ASP A 281 10.61 -22.61 6.38
C ASP A 281 10.63 -22.89 4.89
N ILE A 282 11.53 -23.79 4.48
CA ILE A 282 11.77 -24.00 3.04
C ILE A 282 10.53 -24.57 2.37
N THR A 283 9.79 -25.44 3.06
CA THR A 283 8.63 -26.07 2.46
C THR A 283 7.56 -25.05 2.09
N ARG A 284 7.47 -23.95 2.83
CA ARG A 284 6.49 -22.91 2.51
C ARG A 284 6.80 -22.20 1.21
N LEU A 285 8.06 -22.21 0.77
CA LEU A 285 8.42 -21.56 -0.49
C LEU A 285 7.84 -22.25 -1.71
N GLU A 286 7.35 -23.49 -1.57
CA GLU A 286 6.73 -24.18 -2.68
C GLU A 286 5.33 -23.67 -2.99
N ASP A 287 4.68 -23.03 -2.02
CA ASP A 287 3.36 -22.45 -2.24
C ASP A 287 3.48 -21.19 -3.10
N PRO A 288 2.64 -21.06 -4.12
CA PRO A 288 2.66 -19.83 -4.92
C PRO A 288 2.16 -18.61 -4.17
N GLN A 289 1.46 -18.78 -3.05
CA GLN A 289 0.86 -17.64 -2.37
C GLN A 289 1.89 -16.78 -1.66
N VAL A 290 2.95 -17.38 -1.12
CA VAL A 290 3.97 -16.59 -0.44
C VAL A 290 4.70 -15.70 -1.42
N TRP A 291 4.83 -16.14 -2.68
CA TRP A 291 5.49 -15.31 -3.69
C TRP A 291 4.59 -14.18 -4.17
N ILE A 292 3.29 -14.43 -4.31
CA ILE A 292 2.35 -13.38 -4.66
C ILE A 292 2.28 -12.35 -3.55
N ASP A 293 2.18 -12.82 -2.31
CA ASP A 293 2.05 -11.91 -1.17
C ASP A 293 3.32 -11.07 -0.99
N ALA A 294 4.48 -11.71 -1.04
CA ALA A 294 5.73 -10.99 -0.86
C ALA A 294 6.04 -10.12 -2.07
N GLY A 295 5.72 -10.60 -3.27
CA GLY A 295 5.97 -9.82 -4.46
C GLY A 295 5.13 -8.56 -4.52
N THR A 296 3.84 -8.68 -4.23
CA THR A 296 2.93 -7.55 -4.29
C THR A 296 2.91 -6.73 -3.01
N GLN A 297 3.51 -7.21 -1.92
CA GLN A 297 3.71 -6.36 -0.76
C GLN A 297 4.80 -5.32 -1.03
N ILE A 298 5.83 -5.72 -1.77
CA ILE A 298 6.85 -4.76 -2.18
C ILE A 298 6.24 -3.70 -3.08
N PHE A 299 5.41 -4.11 -4.04
CA PHE A 299 4.78 -3.16 -4.95
C PHE A 299 3.77 -2.28 -4.22
N PHE A 300 3.07 -2.85 -3.24
CA PHE A 300 2.14 -2.06 -2.43
C PHE A 300 2.90 -1.07 -1.55
N SER A 301 3.92 -1.54 -0.84
CA SER A 301 4.64 -0.69 0.09
C SER A 301 5.38 0.43 -0.63
N TYR A 302 5.81 0.20 -1.86
CA TYR A 302 6.51 1.22 -2.62
C TYR A 302 5.57 2.09 -3.45
N ALA A 303 4.27 1.87 -3.35
CA ALA A 303 3.26 2.71 -3.98
C ALA A 303 3.44 2.79 -5.50
N ILE A 304 4.02 1.76 -6.09
CA ILE A 304 4.22 1.74 -7.53
C ILE A 304 3.02 1.09 -8.19
N CYS A 305 2.89 1.31 -9.50
CA CYS A 305 1.72 0.92 -10.27
C CYS A 305 0.45 1.61 -9.77
N LEU A 306 0.61 2.82 -9.22
CA LEU A 306 -0.52 3.62 -8.77
C LEU A 306 -0.57 5.00 -9.41
N GLY A 307 0.51 5.44 -10.06
CA GLY A 307 0.57 6.78 -10.60
C GLY A 307 1.00 7.84 -9.62
N ALA A 308 1.13 7.50 -8.33
CA ALA A 308 1.59 8.48 -7.36
C ALA A 308 3.08 8.77 -7.51
N MET A 309 3.90 7.73 -7.67
CA MET A 309 5.33 7.93 -7.82
C MET A 309 5.66 8.68 -9.10
N THR A 310 4.96 8.36 -10.19
CA THR A 310 5.18 9.09 -11.44
C THR A 310 4.81 10.56 -11.30
N SER A 311 3.69 10.85 -10.63
CA SER A 311 3.32 12.25 -10.39
C SER A 311 4.31 12.93 -9.46
N LEU A 312 4.72 12.25 -8.38
CA LEU A 312 5.72 12.82 -7.48
C LEU A 312 7.05 13.01 -8.17
N GLY A 313 7.38 12.14 -9.12
CA GLY A 313 8.62 12.29 -9.86
C GLY A 313 8.58 13.39 -10.89
N SER A 314 7.39 13.88 -11.24
CA SER A 314 7.26 14.94 -12.23
C SER A 314 7.35 16.33 -11.63
N TYR A 315 7.44 16.44 -10.30
CA TYR A 315 7.46 17.72 -9.62
C TYR A 315 8.88 18.21 -9.30
N ASN A 316 9.90 17.47 -9.69
CA ASN A 316 11.27 17.86 -9.38
C ASN A 316 12.00 18.30 -10.64
N LYS A 317 13.15 18.93 -10.43
CA LYS A 317 13.91 19.50 -11.53
C LYS A 317 14.44 18.40 -12.46
N TYR A 318 14.63 18.77 -13.73
CA TYR A 318 15.17 17.82 -14.69
C TYR A 318 16.58 17.38 -14.32
N LYS A 319 17.45 18.34 -14.03
CA LYS A 319 18.85 18.04 -13.70
C LYS A 319 19.00 17.80 -12.20
N TYR A 320 18.30 16.79 -11.72
CA TYR A 320 18.29 16.44 -10.30
C TYR A 320 18.63 14.97 -10.14
N ASN A 321 19.58 14.67 -9.26
CA ASN A 321 20.04 13.30 -9.06
C ASN A 321 19.05 12.56 -8.17
N SER A 322 17.95 12.13 -8.79
CA SER A 322 16.94 11.37 -8.08
C SER A 322 17.31 9.90 -7.90
N TYR A 323 18.31 9.41 -8.64
CA TYR A 323 18.72 8.01 -8.49
C TYR A 323 19.28 7.75 -7.11
N ARG A 324 20.11 8.66 -6.59
CA ARG A 324 20.67 8.47 -5.26
C ARG A 324 19.59 8.60 -4.18
N ASP A 325 18.71 9.57 -4.31
CA ASP A 325 17.69 9.80 -3.29
C ASP A 325 16.67 8.67 -3.25
N CYS A 326 16.32 8.10 -4.40
CA CYS A 326 15.39 6.97 -4.41
C CYS A 326 15.99 5.76 -3.69
N MET A 327 17.28 5.50 -3.90
CA MET A 327 17.91 4.37 -3.22
C MET A 327 17.96 4.57 -1.72
N LEU A 328 18.22 5.79 -1.27
CA LEU A 328 18.16 6.09 0.16
C LEU A 328 16.74 5.96 0.69
N LEU A 329 15.75 6.46 -0.06
CA LEU A 329 14.36 6.33 0.35
C LEU A 329 13.91 4.88 0.30
N GLY A 330 14.44 4.10 -0.64
CA GLY A 330 14.13 2.68 -0.68
C GLY A 330 14.66 1.93 0.53
N CYS A 331 15.85 2.30 1.00
CA CYS A 331 16.38 1.72 2.22
C CYS A 331 15.55 2.10 3.44
N LEU A 332 15.09 3.35 3.49
CA LEU A 332 14.26 3.79 4.61
C LEU A 332 12.91 3.09 4.61
N ASN A 333 12.38 2.75 3.44
CA ASN A 333 11.09 2.08 3.37
C ASN A 333 11.20 0.62 3.77
N SER A 334 12.02 -0.15 3.05
CA SER A 334 12.18 -1.56 3.39
C SER A 334 12.84 -1.74 4.75
N GLY A 335 13.67 -0.79 5.16
CA GLY A 335 14.25 -0.86 6.49
C GLY A 335 13.22 -0.68 7.59
N THR A 336 12.25 0.22 7.38
CA THR A 336 11.20 0.41 8.37
C THR A 336 10.34 -0.84 8.51
N SER A 337 10.00 -1.48 7.39
CA SER A 337 9.21 -2.71 7.46
C SER A 337 9.96 -3.81 8.17
N PHE A 338 11.25 -3.97 7.87
CA PHE A 338 12.04 -5.03 8.49
C PHE A 338 12.23 -4.76 9.98
N VAL A 339 12.56 -3.52 10.35
CA VAL A 339 12.82 -3.20 11.75
C VAL A 339 11.54 -3.25 12.56
N SER A 340 10.45 -2.65 12.04
CA SER A 340 9.19 -2.69 12.77
C SER A 340 8.64 -4.11 12.87
N GLY A 341 9.01 -4.98 11.93
CA GLY A 341 8.61 -6.37 12.04
C GLY A 341 9.18 -7.05 13.27
N PHE A 342 10.35 -6.61 13.72
CA PHE A 342 10.91 -7.13 14.97
C PHE A 342 10.03 -6.81 16.16
N ALA A 343 9.47 -5.59 16.19
CA ALA A 343 8.65 -5.17 17.32
C ALA A 343 7.38 -5.98 17.40
N ILE A 344 6.65 -6.08 16.30
CA ILE A 344 5.35 -6.75 16.32
C ILE A 344 5.52 -8.25 16.56
N PHE A 345 6.57 -8.84 15.99
CA PHE A 345 6.79 -10.27 16.17
C PHE A 345 7.38 -10.59 17.54
N SER A 346 8.00 -9.61 18.21
CA SER A 346 8.40 -9.82 19.59
C SER A 346 7.19 -9.84 20.51
N ILE A 347 6.20 -8.99 20.24
CA ILE A 347 4.95 -9.02 21.00
C ILE A 347 4.20 -10.31 20.73
N LEU A 348 4.20 -10.78 19.48
CA LEU A 348 3.56 -12.05 19.17
C LEU A 348 4.25 -13.19 19.90
N GLY A 349 5.58 -13.16 19.98
CA GLY A 349 6.28 -14.16 20.77
C GLY A 349 5.96 -14.06 22.25
N PHE A 350 5.84 -12.82 22.75
CA PHE A 350 5.46 -12.64 24.16
C PHE A 350 4.05 -13.15 24.41
N MET A 351 3.12 -12.86 23.49
CA MET A 351 1.75 -13.33 23.66
C MET A 351 1.68 -14.84 23.65
N ALA A 352 2.43 -15.49 22.76
CA ALA A 352 2.43 -16.94 22.69
C ALA A 352 2.95 -17.56 23.98
N GLN A 353 4.03 -17.02 24.54
CA GLN A 353 4.53 -17.52 25.81
C GLN A 353 3.53 -17.30 26.93
N GLU A 354 2.90 -16.13 26.96
CA GLU A 354 1.94 -15.81 28.01
C GLU A 354 0.73 -16.73 27.96
N GLN A 355 0.20 -16.98 26.76
CA GLN A 355 -1.00 -17.79 26.60
C GLN A 355 -0.71 -19.28 26.42
N GLY A 356 0.55 -19.67 26.28
CA GLY A 356 0.86 -21.07 26.08
C GLY A 356 0.30 -21.64 24.80
N VAL A 357 0.34 -20.86 23.71
CA VAL A 357 -0.14 -21.29 22.41
C VAL A 357 0.97 -21.09 21.38
N ASP A 358 0.75 -21.63 20.19
CA ASP A 358 1.70 -21.47 19.10
C ASP A 358 1.75 -20.02 18.66
N ILE A 359 2.92 -19.61 18.15
CA ILE A 359 3.07 -18.25 17.64
C ILE A 359 2.17 -18.04 16.42
N ALA A 360 1.99 -19.09 15.61
CA ALA A 360 1.17 -18.98 14.41
C ALA A 360 -0.32 -18.94 14.69
N ASP A 361 -0.74 -19.18 15.93
CA ASP A 361 -2.17 -19.23 16.27
C ASP A 361 -2.54 -18.25 17.38
N VAL A 362 -1.64 -17.34 17.77
CA VAL A 362 -1.91 -16.47 18.90
C VAL A 362 -2.70 -15.23 18.51
N ALA A 363 -2.71 -14.85 17.24
CA ALA A 363 -3.41 -13.65 16.79
C ALA A 363 -4.11 -13.96 15.47
N GLU A 364 -4.53 -12.92 14.79
CA GLU A 364 -5.32 -13.06 13.57
C GLU A 364 -4.41 -13.14 12.35
N SER A 365 -4.63 -14.16 11.51
CA SER A 365 -3.88 -14.31 10.26
C SER A 365 -4.57 -13.52 9.15
N GLY A 366 -4.61 -12.20 9.34
CA GLY A 366 -5.26 -11.30 8.42
C GLY A 366 -5.12 -9.88 8.90
N PRO A 367 -5.84 -8.95 8.28
CA PRO A 367 -5.78 -7.55 8.73
C PRO A 367 -6.28 -7.45 10.16
N GLY A 368 -5.64 -6.58 10.93
CA GLY A 368 -5.92 -6.49 12.34
C GLY A 368 -4.90 -7.17 13.24
N LEU A 369 -3.85 -7.75 12.67
CA LEU A 369 -2.74 -8.22 13.50
C LEU A 369 -2.08 -7.05 14.21
N ALA A 370 -1.87 -5.94 13.50
CA ALA A 370 -1.34 -4.74 14.12
C ALA A 370 -2.32 -4.11 15.09
N PHE A 371 -3.60 -4.44 14.99
CA PHE A 371 -4.61 -4.00 15.93
C PHE A 371 -4.84 -4.99 17.06
N ILE A 372 -4.06 -6.06 17.12
CA ILE A 372 -4.15 -7.06 18.17
C ILE A 372 -2.83 -7.11 18.93
N ALA A 373 -1.74 -6.81 18.23
CA ALA A 373 -0.40 -6.90 18.82
C ALA A 373 0.02 -5.58 19.47
N TYR A 374 0.02 -4.50 18.69
CA TYR A 374 0.40 -3.20 19.24
C TYR A 374 -0.52 -2.73 20.36
N PRO A 375 -1.85 -2.82 20.26
CA PRO A 375 -2.69 -2.51 21.43
C PRO A 375 -2.42 -3.39 22.63
N LYS A 376 -1.85 -4.58 22.43
CA LYS A 376 -1.40 -5.38 23.56
C LYS A 376 -0.10 -4.86 24.14
N ALA A 377 0.81 -4.38 23.28
CA ALA A 377 2.08 -3.86 23.76
C ALA A 377 1.90 -2.62 24.62
N VAL A 378 1.04 -1.71 24.19
CA VAL A 378 0.84 -0.47 24.93
C VAL A 378 0.24 -0.73 26.31
N THR A 379 -0.39 -1.88 26.49
CA THR A 379 -0.85 -2.27 27.83
C THR A 379 0.34 -2.50 28.77
N MET A 380 1.40 -3.11 28.26
CA MET A 380 2.55 -3.46 29.10
C MET A 380 3.37 -2.25 29.52
N MET A 381 3.32 -1.15 28.77
CA MET A 381 4.12 0.01 29.11
C MET A 381 3.56 0.70 30.35
N PRO A 382 4.40 1.43 31.08
CA PRO A 382 3.88 2.31 32.13
C PRO A 382 2.99 3.39 31.53
N LEU A 383 1.93 3.74 32.27
CA LEU A 383 0.91 4.65 31.79
C LEU A 383 0.39 4.18 30.43
N PRO A 384 -0.36 3.07 30.39
CA PRO A 384 -0.77 2.52 29.10
C PRO A 384 -1.63 3.46 28.27
N THR A 385 -2.48 4.27 28.91
CA THR A 385 -3.35 5.16 28.16
C THR A 385 -2.55 6.19 27.37
N PHE A 386 -1.51 6.76 27.99
CA PHE A 386 -0.73 7.79 27.31
C PHE A 386 -0.03 7.24 26.07
N TRP A 387 0.52 6.03 26.16
CA TRP A 387 1.19 5.44 25.02
C TRP A 387 0.20 4.94 23.98
N SER A 388 -1.00 4.54 24.41
CA SER A 388 -2.02 4.12 23.45
C SER A 388 -2.45 5.27 22.56
N ILE A 389 -2.58 6.47 23.13
CA ILE A 389 -2.94 7.64 22.33
C ILE A 389 -1.87 7.93 21.29
N LEU A 390 -0.60 7.89 21.70
CA LEU A 390 0.48 8.24 20.79
C LEU A 390 0.58 7.26 19.63
N PHE A 391 0.42 5.95 19.91
CA PHE A 391 0.54 4.97 18.83
C PHE A 391 -0.53 5.17 17.77
N PHE A 392 -1.78 5.35 18.18
CA PHE A 392 -2.85 5.55 17.21
C PHE A 392 -2.83 6.93 16.59
N ILE A 393 -2.21 7.91 17.25
CA ILE A 393 -1.87 9.15 16.56
C ILE A 393 -0.73 8.89 15.57
N MET A 394 0.30 8.17 16.00
CA MET A 394 1.37 7.80 15.08
C MET A 394 0.84 6.99 13.92
N LEU A 395 -0.04 6.02 14.20
CA LEU A 395 -0.60 5.19 13.14
C LEU A 395 -1.45 6.02 12.20
N LEU A 396 -2.03 7.12 12.70
CA LEU A 396 -2.95 7.92 11.90
C LEU A 396 -2.19 8.90 11.01
N LEU A 397 -1.13 9.53 11.52
CA LEU A 397 -0.30 10.38 10.69
C LEU A 397 0.45 9.59 9.63
N LEU A 398 0.81 8.34 9.93
CA LEU A 398 1.45 7.50 8.93
C LEU A 398 0.52 7.24 7.74
N GLY A 399 -0.76 6.98 8.03
CA GLY A 399 -1.70 6.70 6.96
C GLY A 399 -2.31 7.93 6.32
N LEU A 400 -2.48 9.00 7.09
CA LEU A 400 -3.03 10.22 6.51
C LEU A 400 -2.10 10.82 5.48
N ASP A 401 -0.79 10.83 5.76
CA ASP A 401 0.17 11.32 4.78
C ASP A 401 0.17 10.47 3.53
N SER A 402 0.06 9.15 3.69
CA SER A 402 -0.04 8.27 2.53
C SER A 402 -1.32 8.53 1.75
N GLN A 403 -2.43 8.71 2.47
CA GLN A 403 -3.70 8.96 1.80
C GLN A 403 -3.70 10.30 1.07
N PHE A 404 -3.04 11.31 1.64
CA PHE A 404 -2.96 12.61 0.97
C PHE A 404 -2.25 12.49 -0.37
N VAL A 405 -1.15 11.74 -0.41
CA VAL A 405 -0.39 11.61 -1.65
C VAL A 405 -1.19 10.82 -2.68
N GLU A 406 -1.84 9.74 -2.26
CA GLU A 406 -2.58 8.90 -3.21
C GLU A 406 -3.83 9.62 -3.72
N VAL A 407 -4.61 10.21 -2.82
CA VAL A 407 -5.84 10.88 -3.24
C VAL A 407 -5.52 12.07 -4.13
N GLU A 408 -4.50 12.85 -3.77
CA GLU A 408 -4.02 13.90 -4.67
C GLU A 408 -3.41 13.29 -5.94
N GLY A 409 -2.88 12.07 -5.84
CA GLY A 409 -2.31 11.43 -7.01
C GLY A 409 -3.33 11.14 -8.08
N GLN A 410 -4.51 10.60 -7.70
CA GLN A 410 -5.52 10.30 -8.70
C GLN A 410 -6.18 11.57 -9.22
N ILE A 411 -6.41 12.54 -8.33
CA ILE A 411 -7.10 13.76 -8.72
C ILE A 411 -6.25 14.56 -9.71
N THR A 412 -4.96 14.69 -9.46
CA THR A 412 -4.08 15.32 -10.43
C THR A 412 -4.05 14.54 -11.73
N SER A 413 -4.00 13.20 -11.64
CA SER A 413 -4.01 12.39 -12.86
C SER A 413 -5.30 12.56 -13.64
N LEU A 414 -6.43 12.61 -12.94
CA LEU A 414 -7.71 12.80 -13.62
C LEU A 414 -7.85 14.19 -14.20
N VAL A 415 -7.25 15.20 -13.55
CA VAL A 415 -7.29 16.56 -14.09
C VAL A 415 -6.49 16.64 -15.39
N ASP A 416 -5.39 15.89 -15.48
CA ASP A 416 -4.60 15.90 -16.71
C ASP A 416 -5.41 15.45 -17.92
N LEU A 417 -6.46 14.65 -17.71
CA LEU A 417 -7.33 14.28 -18.81
C LEU A 417 -8.20 15.45 -19.27
N TYR A 418 -8.60 16.32 -18.35
CA TYR A 418 -9.43 17.49 -18.66
C TYR A 418 -8.80 18.72 -18.04
N PRO A 419 -7.66 19.18 -18.57
CA PRO A 419 -6.93 20.28 -17.92
C PRO A 419 -7.72 21.57 -17.84
N SER A 420 -8.61 21.84 -18.79
CA SER A 420 -9.40 23.06 -18.76
C SER A 420 -10.69 22.90 -17.96
N PHE A 421 -11.35 21.75 -18.06
CA PHE A 421 -12.59 21.53 -17.32
C PHE A 421 -12.35 21.54 -15.82
N LEU A 422 -11.27 20.91 -15.37
CA LEU A 422 -10.93 20.83 -13.96
C LEU A 422 -9.77 21.78 -13.65
N ARG A 423 -9.43 21.86 -12.37
CA ARG A 423 -8.37 22.75 -11.89
C ARG A 423 -8.60 24.19 -12.35
N LYS A 424 -9.86 24.62 -12.30
CA LYS A 424 -10.23 25.95 -12.76
C LYS A 424 -11.45 26.40 -11.95
N GLY A 425 -11.21 27.26 -10.96
CA GLY A 425 -12.31 27.82 -10.19
C GLY A 425 -13.02 26.78 -9.35
N TYR A 426 -14.35 26.92 -9.26
CA TYR A 426 -15.16 26.05 -8.42
C TYR A 426 -15.29 24.64 -8.98
N ARG A 427 -14.85 24.39 -10.20
CA ARG A 427 -15.02 23.06 -10.78
C ARG A 427 -14.12 22.03 -10.11
N ARG A 428 -12.98 22.45 -9.58
CA ARG A 428 -12.15 21.55 -8.77
C ARG A 428 -12.73 21.35 -7.37
N GLU A 429 -13.49 22.33 -6.86
CA GLU A 429 -14.18 22.15 -5.59
C GLU A 429 -15.17 20.98 -5.65
N ILE A 430 -16.02 20.97 -6.67
CA ILE A 430 -17.05 19.94 -6.76
C ILE A 430 -16.43 18.58 -7.09
N PHE A 431 -15.45 18.56 -8.01
CA PHE A 431 -14.88 17.30 -8.44
C PHE A 431 -14.14 16.60 -7.29
N ILE A 432 -13.40 17.36 -6.49
CA ILE A 432 -12.67 16.77 -5.37
C ILE A 432 -13.65 16.20 -4.36
N ALA A 433 -14.71 16.95 -4.02
CA ALA A 433 -15.71 16.44 -3.10
C ALA A 433 -16.45 15.25 -3.69
N PHE A 434 -16.71 15.26 -5.00
CA PHE A 434 -17.40 14.14 -5.63
C PHE A 434 -16.57 12.87 -5.53
N VAL A 435 -15.27 12.95 -5.80
CA VAL A 435 -14.41 11.78 -5.67
C VAL A 435 -14.36 11.31 -4.22
N CYS A 436 -14.25 12.25 -3.28
CA CYS A 436 -14.24 11.88 -1.86
C CYS A 436 -15.58 11.30 -1.43
N SER A 437 -16.68 11.86 -1.91
CA SER A 437 -18.00 11.39 -1.49
C SER A 437 -18.30 10.00 -2.03
N ILE A 438 -18.06 9.78 -3.32
CA ILE A 438 -18.34 8.48 -3.92
C ILE A 438 -17.44 7.41 -3.32
N SER A 439 -16.15 7.71 -3.18
CA SER A 439 -15.24 6.75 -2.56
C SER A 439 -15.54 6.53 -1.09
N TYR A 440 -16.22 7.47 -0.44
CA TYR A 440 -16.68 7.24 0.93
C TYR A 440 -17.89 6.33 0.96
N LEU A 441 -18.80 6.46 -0.01
CA LEU A 441 -19.99 5.62 -0.02
C LEU A 441 -19.64 4.16 -0.26
N LEU A 442 -18.71 3.88 -1.17
CA LEU A 442 -18.25 2.51 -1.35
C LEU A 442 -17.44 2.03 -0.15
N GLY A 443 -16.88 2.94 0.64
CA GLY A 443 -16.28 2.55 1.90
C GLY A 443 -17.25 2.19 2.99
N LEU A 444 -18.53 2.52 2.80
CA LEU A 444 -19.55 2.16 3.79
C LEU A 444 -19.86 0.68 3.76
N THR A 445 -19.67 0.02 2.61
CA THR A 445 -19.89 -1.42 2.53
C THR A 445 -18.90 -2.20 3.36
N MET A 446 -17.78 -1.59 3.73
CA MET A 446 -16.75 -2.22 4.53
C MET A 446 -16.81 -1.80 6.00
N VAL A 447 -17.84 -1.05 6.37
CA VAL A 447 -18.02 -0.61 7.75
C VAL A 447 -19.10 -1.42 8.46
N THR A 448 -20.00 -2.06 7.73
CA THR A 448 -21.04 -2.88 8.33
C THR A 448 -20.41 -4.09 9.03
N GLU A 449 -21.26 -4.86 9.70
CA GLU A 449 -20.78 -5.99 10.48
C GLU A 449 -20.05 -7.01 9.63
N GLY A 450 -20.48 -7.18 8.38
CA GLY A 450 -19.80 -8.07 7.46
C GLY A 450 -18.79 -7.34 6.61
N GLY A 451 -18.42 -6.13 7.03
CA GLY A 451 -17.50 -5.32 6.26
C GLY A 451 -16.06 -5.76 6.32
N MET A 452 -15.69 -6.54 7.33
CA MET A 452 -14.32 -7.04 7.41
C MET A 452 -14.02 -7.99 6.25
N TYR A 453 -14.98 -8.85 5.90
CA TYR A 453 -14.77 -9.76 4.79
C TYR A 453 -14.64 -9.02 3.47
N VAL A 454 -15.39 -7.93 3.30
CA VAL A 454 -15.24 -7.10 2.12
C VAL A 454 -13.87 -6.44 2.10
N PHE A 455 -13.35 -6.07 3.28
CA PHE A 455 -12.02 -5.49 3.34
C PHE A 455 -10.96 -6.46 2.90
N GLN A 456 -11.09 -7.74 3.28
CA GLN A 456 -10.10 -8.73 2.86
C GLN A 456 -10.14 -8.93 1.35
N LEU A 457 -11.32 -8.89 0.75
CA LEU A 457 -11.40 -8.99 -0.71
C LEU A 457 -10.71 -7.82 -1.39
N PHE A 458 -10.94 -6.60 -0.91
CA PHE A 458 -10.30 -5.44 -1.49
C PHE A 458 -8.79 -5.48 -1.28
N ASP A 459 -8.34 -5.87 -0.09
CA ASP A 459 -6.92 -5.86 0.21
C ASP A 459 -6.17 -6.93 -0.58
N TYR A 460 -6.84 -8.00 -0.98
CA TYR A 460 -6.22 -9.11 -1.67
C TYR A 460 -6.30 -8.98 -3.19
N TYR A 461 -7.32 -8.30 -3.70
CA TYR A 461 -7.58 -8.26 -5.13
C TYR A 461 -7.51 -6.87 -5.74
N ALA A 462 -8.07 -5.85 -5.07
CA ALA A 462 -8.27 -4.55 -5.70
C ALA A 462 -6.95 -3.89 -6.08
N ALA A 463 -6.12 -3.58 -5.09
CA ALA A 463 -4.87 -2.87 -5.33
C ALA A 463 -3.66 -3.72 -4.99
N SER A 464 -3.80 -5.03 -5.11
CA SER A 464 -2.70 -5.94 -4.83
C SER A 464 -2.95 -7.25 -5.55
N GLY A 465 -1.92 -8.09 -5.58
CA GLY A 465 -2.05 -9.38 -6.22
C GLY A 465 -1.73 -9.36 -7.70
N VAL A 466 -2.54 -10.03 -8.52
CA VAL A 466 -2.25 -10.11 -9.95
C VAL A 466 -2.46 -8.78 -10.64
N CYS A 467 -3.27 -7.88 -10.09
CA CYS A 467 -3.47 -6.58 -10.71
C CYS A 467 -2.19 -5.76 -10.69
N LEU A 468 -1.44 -5.82 -9.58
CA LEU A 468 -0.16 -5.11 -9.52
C LEU A 468 0.89 -5.79 -10.38
N LEU A 469 0.92 -7.12 -10.39
CA LEU A 469 1.84 -7.84 -11.26
C LEU A 469 1.55 -7.57 -12.73
N TRP A 470 0.28 -7.37 -13.08
CA TRP A 470 -0.08 -7.06 -14.45
C TRP A 470 0.47 -5.71 -14.89
N VAL A 471 0.30 -4.69 -14.06
CA VAL A 471 0.78 -3.35 -14.42
C VAL A 471 2.30 -3.29 -14.34
N ALA A 472 2.90 -3.91 -13.32
CA ALA A 472 4.35 -3.86 -13.16
C ALA A 472 5.06 -4.54 -14.33
N PHE A 473 4.51 -5.66 -14.81
CA PHE A 473 5.10 -6.33 -15.96
C PHE A 473 5.04 -5.44 -17.20
N PHE A 474 3.91 -4.78 -17.42
CA PHE A 474 3.75 -3.98 -18.62
C PHE A 474 4.49 -2.66 -18.55
N GLU A 475 4.68 -2.12 -17.34
CA GLU A 475 5.54 -0.94 -17.19
C GLU A 475 6.97 -1.27 -17.59
N CYS A 476 7.47 -2.43 -17.17
CA CYS A 476 8.83 -2.83 -17.51
C CYS A 476 8.93 -3.33 -18.95
N PHE A 477 7.91 -4.02 -19.44
CA PHE A 477 7.94 -4.51 -20.81
C PHE A 477 7.99 -3.37 -21.81
N VAL A 478 7.21 -2.31 -21.56
CA VAL A 478 7.19 -1.17 -22.48
C VAL A 478 8.54 -0.46 -22.49
N ILE A 479 9.10 -0.21 -21.30
CA ILE A 479 10.36 0.52 -21.21
C ILE A 479 11.51 -0.33 -21.72
N ALA A 480 11.61 -1.58 -21.25
CA ALA A 480 12.80 -2.37 -21.53
C ALA A 480 12.84 -2.88 -22.96
N TRP A 481 11.69 -3.28 -23.51
CA TRP A 481 11.66 -3.97 -24.79
C TRP A 481 11.10 -3.14 -25.94
N ILE A 482 10.14 -2.26 -25.68
CA ILE A 482 9.57 -1.44 -26.74
C ILE A 482 10.31 -0.11 -26.80
N TYR A 483 10.32 0.62 -25.69
CA TYR A 483 11.05 1.88 -25.64
C TYR A 483 12.56 1.65 -25.75
N GLY A 484 13.08 0.72 -24.96
CA GLY A 484 14.51 0.44 -24.99
C GLY A 484 15.17 0.69 -23.65
N GLY A 485 15.75 -0.35 -23.05
CA GLY A 485 16.42 -0.17 -21.77
C GLY A 485 17.64 0.73 -21.89
N ASP A 486 18.48 0.47 -22.90
CA ASP A 486 19.63 1.35 -23.15
C ASP A 486 19.17 2.72 -23.65
N ASN A 487 18.06 2.76 -24.39
CA ASN A 487 17.54 4.03 -24.88
C ASN A 487 17.09 4.94 -23.75
N LEU A 488 16.75 4.38 -22.58
CA LEU A 488 16.37 5.20 -21.43
C LEU A 488 17.57 5.60 -20.58
N TYR A 489 18.64 4.80 -20.58
CA TYR A 489 19.85 5.21 -19.87
C TYR A 489 20.44 6.49 -20.47
N ASP A 490 20.28 6.68 -21.78
CA ASP A 490 20.69 7.94 -22.39
C ASP A 490 19.92 9.11 -21.79
N GLY A 491 18.62 8.92 -21.56
CA GLY A 491 17.85 9.95 -20.86
C GLY A 491 18.28 10.11 -19.42
N ILE A 492 18.53 9.00 -18.73
CA ILE A 492 18.89 9.08 -17.31
C ILE A 492 20.28 9.71 -17.15
N GLU A 493 21.23 9.33 -18.01
CA GLU A 493 22.57 9.89 -17.91
C GLU A 493 22.55 11.40 -18.08
N ASP A 494 21.76 11.89 -19.05
CA ASP A 494 21.59 13.32 -19.21
C ASP A 494 20.88 13.93 -18.01
N MET A 495 19.99 13.15 -17.37
CA MET A 495 19.11 13.71 -16.36
C MET A 495 19.74 13.71 -14.98
N ILE A 496 20.38 12.61 -14.59
CA ILE A 496 21.00 12.54 -13.26
C ILE A 496 22.49 12.85 -13.27
N GLY A 497 23.11 12.93 -14.44
CA GLY A 497 24.50 13.32 -14.55
C GLY A 497 25.48 12.19 -14.82
N TYR A 498 25.07 10.94 -14.63
CA TYR A 498 25.96 9.82 -14.89
C TYR A 498 25.14 8.60 -15.30
N ARG A 499 25.80 7.69 -16.00
CA ARG A 499 25.13 6.48 -16.47
C ARG A 499 25.12 5.44 -15.37
N PRO A 500 23.95 4.98 -14.92
CA PRO A 500 23.91 4.00 -13.84
C PRO A 500 24.37 2.63 -14.30
N GLY A 501 24.54 1.75 -13.34
CA GLY A 501 24.99 0.40 -13.59
C GLY A 501 23.92 -0.46 -14.22
N PRO A 502 24.28 -1.68 -14.64
CA PRO A 502 23.33 -2.55 -15.34
C PRO A 502 22.28 -3.19 -14.45
N TRP A 503 22.19 -2.82 -13.17
CA TRP A 503 21.18 -3.42 -12.31
C TRP A 503 19.77 -3.02 -12.74
N MET A 504 19.55 -1.73 -12.99
CA MET A 504 18.23 -1.28 -13.43
C MET A 504 17.89 -1.84 -14.81
N LYS A 505 18.87 -1.85 -15.72
CA LYS A 505 18.60 -2.27 -17.10
C LYS A 505 18.17 -3.73 -17.15
N TYR A 506 18.86 -4.61 -16.43
CA TYR A 506 18.52 -6.02 -16.47
C TYR A 506 17.27 -6.32 -15.68
N SER A 507 16.98 -5.53 -14.64
CA SER A 507 15.77 -5.76 -13.85
C SER A 507 14.52 -5.54 -14.68
N TRP A 508 14.49 -4.48 -15.50
CA TRP A 508 13.35 -4.24 -16.37
C TRP A 508 13.31 -5.26 -17.49
N ALA A 509 14.46 -5.63 -18.04
CA ALA A 509 14.50 -6.47 -19.24
C ALA A 509 14.22 -7.93 -18.90
N VAL A 510 14.72 -8.43 -17.77
CA VAL A 510 14.66 -9.85 -17.49
C VAL A 510 13.94 -10.15 -16.18
N ILE A 511 14.46 -9.61 -15.08
CA ILE A 511 14.04 -10.07 -13.75
C ILE A 511 12.57 -9.76 -13.51
N THR A 512 12.16 -8.52 -13.74
CA THR A 512 10.77 -8.14 -13.45
C THR A 512 9.77 -8.89 -14.32
N PRO A 513 9.94 -8.99 -15.64
CA PRO A 513 9.00 -9.83 -16.41
C PRO A 513 8.97 -11.28 -15.95
N VAL A 514 10.12 -11.84 -15.58
CA VAL A 514 10.16 -13.24 -15.15
C VAL A 514 9.47 -13.40 -13.80
N LEU A 515 9.77 -12.51 -12.86
CA LEU A 515 9.16 -12.60 -11.54
C LEU A 515 7.66 -12.36 -11.61
N CYS A 516 7.22 -11.40 -12.42
CA CYS A 516 5.79 -11.12 -12.54
C CYS A 516 5.07 -12.24 -13.27
N VAL A 517 5.62 -12.71 -14.39
CA VAL A 517 4.99 -13.79 -15.14
C VAL A 517 5.08 -15.09 -14.37
N GLY A 518 6.25 -15.39 -13.81
CA GLY A 518 6.41 -16.65 -13.09
C GLY A 518 5.46 -16.78 -11.92
N CYS A 519 5.29 -15.71 -11.14
CA CYS A 519 4.34 -15.73 -10.05
C CYS A 519 2.90 -15.75 -10.54
N PHE A 520 2.63 -15.14 -11.69
CA PHE A 520 1.28 -15.18 -12.24
C PHE A 520 0.90 -16.57 -12.72
N ILE A 521 1.79 -17.20 -13.50
CA ILE A 521 1.48 -18.53 -14.02
C ILE A 521 1.35 -19.54 -12.90
N PHE A 522 2.26 -19.50 -11.93
CA PHE A 522 2.26 -20.51 -10.89
C PHE A 522 1.13 -20.30 -9.89
N SER A 523 0.59 -19.08 -9.79
CA SER A 523 -0.54 -18.84 -8.90
C SER A 523 -1.81 -19.46 -9.46
N LEU A 524 -2.05 -19.30 -10.76
CA LEU A 524 -3.24 -19.90 -11.37
C LEU A 524 -3.12 -21.42 -11.48
N VAL A 525 -1.92 -21.94 -11.70
CA VAL A 525 -1.75 -23.39 -11.80
C VAL A 525 -2.08 -24.04 -10.46
N LYS A 526 -1.48 -23.55 -9.38
CA LYS A 526 -1.78 -24.03 -8.03
C LYS A 526 -2.71 -23.02 -7.36
N TYR A 527 -3.98 -23.05 -7.76
CA TYR A 527 -4.95 -22.07 -7.31
C TYR A 527 -5.43 -22.41 -5.90
N VAL A 528 -5.25 -21.49 -4.98
CA VAL A 528 -5.77 -21.59 -3.61
C VAL A 528 -6.72 -20.43 -3.39
N PRO A 529 -8.01 -20.68 -3.16
CA PRO A 529 -8.95 -19.56 -3.00
C PRO A 529 -8.66 -18.77 -1.74
N LEU A 530 -9.00 -17.48 -1.78
CA LEU A 530 -8.77 -16.60 -0.65
C LEU A 530 -9.59 -17.03 0.55
N THR A 531 -8.99 -16.96 1.73
CA THR A 531 -9.65 -17.25 2.98
C THR A 531 -9.36 -16.14 3.97
N TYR A 532 -10.27 -15.93 4.92
CA TYR A 532 -10.11 -14.93 5.95
C TYR A 532 -9.81 -15.61 7.28
N ASN A 533 -8.67 -15.28 7.87
CA ASN A 533 -8.25 -15.81 9.18
C ASN A 533 -8.17 -17.34 9.17
N LYS A 534 -7.76 -17.92 8.05
CA LYS A 534 -7.49 -19.34 7.86
C LYS A 534 -8.71 -20.23 8.01
N THR A 535 -9.87 -19.68 8.34
CA THR A 535 -11.06 -20.48 8.59
C THR A 535 -12.18 -20.18 7.62
N TYR A 536 -12.54 -18.91 7.45
CA TYR A 536 -13.66 -18.55 6.61
C TYR A 536 -13.33 -18.83 5.15
N VAL A 537 -14.20 -19.57 4.47
CA VAL A 537 -14.06 -19.86 3.06
C VAL A 537 -15.03 -18.96 2.29
N TYR A 538 -14.51 -18.25 1.31
CA TYR A 538 -15.33 -17.28 0.59
C TYR A 538 -16.29 -17.98 -0.37
N PRO A 539 -17.51 -17.50 -0.49
CA PRO A 539 -18.43 -18.07 -1.48
C PRO A 539 -17.94 -17.77 -2.89
N ASN A 540 -18.49 -18.53 -3.85
CA ASN A 540 -18.04 -18.42 -5.23
C ASN A 540 -18.28 -17.03 -5.79
N TRP A 541 -19.43 -16.43 -5.49
CA TRP A 541 -19.72 -15.09 -6.00
C TRP A 541 -18.76 -14.06 -5.42
N ALA A 542 -18.36 -14.25 -4.16
CA ALA A 542 -17.42 -13.31 -3.54
C ALA A 542 -16.07 -13.33 -4.24
N ILE A 543 -15.59 -14.53 -4.57
CA ILE A 543 -14.34 -14.63 -5.34
C ILE A 543 -14.51 -14.03 -6.72
N GLY A 544 -15.66 -14.31 -7.37
CA GLY A 544 -15.92 -13.70 -8.65
C GLY A 544 -16.02 -12.19 -8.59
N LEU A 545 -16.62 -11.67 -7.51
CA LEU A 545 -16.61 -10.24 -7.28
C LEU A 545 -15.20 -9.73 -7.05
N GLY A 546 -14.39 -10.50 -6.33
CA GLY A 546 -13.01 -10.09 -6.08
C GLY A 546 -12.19 -10.02 -7.35
N TRP A 547 -12.42 -10.95 -8.27
CA TRP A 547 -11.69 -10.92 -9.54
C TRP A 547 -12.15 -9.76 -10.42
N SER A 548 -13.39 -9.31 -10.25
CA SER A 548 -13.85 -8.13 -10.99
C SER A 548 -13.08 -6.89 -10.57
N LEU A 549 -12.76 -6.77 -9.29
CA LEU A 549 -11.94 -5.65 -8.83
C LEU A 549 -10.55 -5.72 -9.46
N ALA A 550 -9.98 -6.91 -9.55
CA ALA A 550 -8.68 -7.07 -10.20
C ALA A 550 -8.80 -6.87 -11.71
N LEU A 551 -9.79 -7.50 -12.34
CA LEU A 551 -9.90 -7.45 -13.79
C LEU A 551 -10.36 -6.10 -14.30
N SER A 552 -10.97 -5.26 -13.45
CA SER A 552 -11.39 -3.94 -13.91
C SER A 552 -10.20 -3.09 -14.30
N SER A 553 -9.10 -3.19 -13.54
CA SER A 553 -7.88 -2.48 -13.88
C SER A 553 -6.99 -3.28 -14.83
N MET A 554 -7.02 -4.61 -14.76
CA MET A 554 -6.22 -5.41 -15.67
C MET A 554 -6.67 -5.24 -17.12
N LEU A 555 -7.98 -5.15 -17.35
CA LEU A 555 -8.48 -5.00 -18.71
C LEU A 555 -8.33 -3.59 -19.27
N CYS A 556 -7.83 -2.64 -18.48
CA CYS A 556 -7.57 -1.32 -19.02
C CYS A 556 -6.49 -1.36 -20.08
N VAL A 557 -5.48 -2.20 -19.90
CA VAL A 557 -4.40 -2.31 -20.88
C VAL A 557 -4.89 -2.84 -22.22
N PRO A 558 -5.64 -3.95 -22.30
CA PRO A 558 -6.14 -4.38 -23.62
C PRO A 558 -7.16 -3.43 -24.23
N LEU A 559 -8.01 -2.80 -23.40
CA LEU A 559 -9.05 -1.94 -23.94
C LEU A 559 -8.45 -0.73 -24.66
N VAL A 560 -7.47 -0.08 -24.03
CA VAL A 560 -6.87 1.09 -24.65
C VAL A 560 -6.11 0.72 -25.91
N ILE A 561 -5.51 -0.47 -25.95
CA ILE A 561 -4.87 -0.94 -27.17
C ILE A 561 -5.89 -1.06 -28.29
N VAL A 562 -7.05 -1.64 -27.98
CA VAL A 562 -8.11 -1.75 -28.98
C VAL A 562 -8.63 -0.36 -29.35
N ILE A 563 -8.82 0.50 -28.36
CA ILE A 563 -9.32 1.85 -28.63
C ILE A 563 -8.32 2.62 -29.48
N ARG A 564 -7.04 2.54 -29.14
CA ARG A 564 -6.01 3.26 -29.90
C ARG A 564 -5.91 2.72 -31.32
N LEU A 565 -5.99 1.40 -31.49
CA LEU A 565 -5.90 0.82 -32.83
C LEU A 565 -7.09 1.23 -33.69
N CYS A 566 -8.28 1.27 -33.10
CA CYS A 566 -9.47 1.67 -33.86
C CYS A 566 -9.40 3.14 -34.25
N GLN A 567 -8.94 4.00 -33.34
CA GLN A 567 -8.89 5.43 -33.64
C GLN A 567 -7.90 5.74 -34.75
N THR A 568 -6.72 5.10 -34.72
CA THR A 568 -5.71 5.35 -35.74
C THR A 568 -6.13 4.71 -37.06
N GLU A 569 -5.97 5.44 -38.15
CA GLU A 569 -6.40 4.99 -39.47
C GLU A 569 -5.21 4.54 -40.29
N GLY A 570 -5.36 3.40 -40.97
CA GLY A 570 -4.33 2.86 -41.81
C GLY A 570 -4.20 1.35 -41.68
N PRO A 571 -3.18 0.78 -42.32
CA PRO A 571 -2.95 -0.66 -42.17
C PRO A 571 -2.61 -1.03 -40.74
N PHE A 572 -2.95 -2.26 -40.36
CA PHE A 572 -2.79 -2.69 -38.97
C PHE A 572 -1.33 -2.63 -38.55
N LEU A 573 -0.41 -3.11 -39.39
CA LEU A 573 1.00 -3.03 -39.06
C LEU A 573 1.47 -1.59 -38.97
N VAL A 574 0.96 -0.73 -39.86
CA VAL A 574 1.27 0.69 -39.77
C VAL A 574 0.63 1.30 -38.53
N ARG A 575 -0.58 0.87 -38.20
CA ARG A 575 -1.26 1.38 -37.01
C ARG A 575 -0.45 1.08 -35.74
N VAL A 576 0.05 -0.14 -35.63
CA VAL A 576 0.87 -0.50 -34.47
C VAL A 576 2.17 0.31 -34.45
N LYS A 577 2.80 0.44 -35.62
CA LYS A 577 4.10 1.12 -35.68
C LYS A 577 3.98 2.58 -35.25
N TYR A 578 2.92 3.27 -35.68
CA TYR A 578 2.76 4.67 -35.33
C TYR A 578 2.45 4.86 -33.85
N LEU A 579 1.71 3.94 -33.25
CA LEU A 579 1.30 4.09 -31.85
C LEU A 579 2.38 3.66 -30.87
N LEU A 580 3.49 3.11 -31.35
CA LEU A 580 4.59 2.69 -30.49
C LEU A 580 5.72 3.71 -30.43
N THR A 581 5.74 4.68 -31.33
CA THR A 581 6.83 5.66 -31.35
C THR A 581 6.60 6.72 -30.28
N PRO A 582 7.58 6.96 -29.40
CA PRO A 582 7.40 7.99 -28.37
C PRO A 582 7.20 9.37 -29.00
N ARG A 583 6.35 10.17 -28.37
CA ARG A 583 6.05 11.52 -28.89
C ARG A 583 6.84 12.56 -28.07
N GLU A 584 8.15 12.62 -28.26
CA GLU A 584 9.02 13.59 -27.54
C GLU A 584 8.74 13.52 -26.04
N PRO A 585 9.18 12.46 -25.32
CA PRO A 585 8.99 12.37 -23.88
C PRO A 585 9.60 13.57 -23.15
N ASN A 586 10.84 13.95 -23.50
CA ASN A 586 11.50 15.11 -22.85
C ASN A 586 11.24 16.39 -23.66
N ARG A 587 9.99 16.84 -23.70
CA ARG A 587 9.64 18.09 -24.43
C ARG A 587 9.65 19.25 -23.44
N TRP A 588 10.81 19.57 -22.85
CA TRP A 588 10.85 20.63 -21.82
C TRP A 588 12.11 21.48 -22.00
N ALA A 589 12.16 22.27 -23.08
CA ALA A 589 13.31 23.17 -23.31
C ALA A 589 13.47 24.10 -22.10
N VAL A 590 12.38 24.39 -21.39
CA VAL A 590 12.45 25.21 -20.16
C VAL A 590 13.74 24.84 -19.40
N GLU A 591 14.14 23.57 -19.47
CA GLU A 591 15.36 23.11 -18.75
C GLU A 591 16.42 22.63 -19.75
N ARG A 592 17.70 22.80 -19.41
CA ARG A 592 18.80 22.36 -20.27
C ARG A 592 18.69 20.86 -20.47
N GLU A 593 18.11 20.46 -21.60
CA GLU A 593 17.89 19.00 -21.85
C GLU A 593 18.47 18.64 -23.22
N GLY A 594 18.41 17.36 -23.59
CA GLY A 594 18.87 16.93 -24.93
C GLY A 594 17.69 16.60 -25.82
N ALA A 595 17.51 15.31 -26.15
CA ALA A 595 16.37 14.87 -27.00
C ALA A 595 16.12 13.38 -26.76
N THR A 596 14.93 12.89 -27.10
CA THR A 596 14.61 11.45 -26.94
C THR A 596 15.58 10.60 -27.77
N PRO A 597 15.86 10.89 -29.06
CA PRO A 597 16.84 10.13 -29.83
C PRO A 597 18.25 10.74 -29.69
#